data_2HAR
#
_entry.id   2HAR
#
_cell.length_a   45.118
_cell.length_b   51.318
_cell.length_c   131.284
_cell.angle_alpha   90.00
_cell.angle_beta   90.00
_cell.angle_gamma   90.00
#
_symmetry.space_group_name_H-M   'P 21 21 21'
#
loop_
_entity.id
_entity.type
_entity.pdbx_description
1 polymer 'Vitamin D3 receptor'
2 non-polymer '2ALPHA-(3-HYDROXYPROPOXY)-1ALPHA,25-DIHYDROXYVITAMIN D3'
3 water water
#
_entity_poly.entity_id   1
_entity_poly.type   'polypeptide(L)'
_entity_poly.pdbx_seq_one_letter_code
;GSHMDSLRPKLSEEQQRIIAILLDAHHKTYDPTYSDFCQFRPPVRVNDGGGSVTLELSQLSMLPHLADLVSYSIQKVIGF
AKMIPGFRDLTSEDQIVLLKSSAIEVIMLRSNESFTMDDMSWTCGNQDYKYRVSDVTKAGHSLELIEPLIKFQVGLKKLN
LHEEEHVLLMAICIVSPDRPGVQDAALIEAIQDRLSNTLQTYIRCRHPPPGSHLLYAKMIQKLADLRSLNEEHSKQYRCL
SFQPECSMKLTPLVLEVFGNEIS
;
_entity_poly.pdbx_strand_id   A
#
# COMPACT_ATOMS: atom_id res chain seq x y z
N SER A 6 29.02 7.34 -7.98
CA SER A 6 30.11 7.15 -8.97
C SER A 6 30.17 5.70 -9.45
N LEU A 7 30.58 4.81 -8.56
CA LEU A 7 30.68 3.39 -8.89
C LEU A 7 29.32 2.80 -9.21
N ARG A 8 29.29 1.94 -10.23
CA ARG A 8 28.05 1.29 -10.64
C ARG A 8 28.27 -0.21 -10.74
N PRO A 9 28.43 -0.89 -9.60
CA PRO A 9 28.64 -2.33 -9.61
C PRO A 9 27.46 -3.07 -10.21
N LYS A 10 27.73 -4.22 -10.82
CA LYS A 10 26.67 -5.02 -11.41
C LYS A 10 25.88 -5.71 -10.33
N LEU A 11 24.64 -6.05 -10.65
CA LEU A 11 23.78 -6.76 -9.71
C LEU A 11 24.38 -8.15 -9.56
N SER A 12 24.47 -8.64 -8.34
CA SER A 12 25.02 -9.97 -8.09
C SER A 12 23.97 -11.00 -8.52
N GLU A 13 24.36 -12.27 -8.56
CA GLU A 13 23.41 -13.31 -8.93
C GLU A 13 22.26 -13.33 -7.93
N GLU A 14 22.59 -13.15 -6.66
CA GLU A 14 21.60 -13.16 -5.60
C GLU A 14 20.63 -11.98 -5.73
N GLN A 15 21.18 -10.81 -6.06
CA GLN A 15 20.35 -9.62 -6.22
C GLN A 15 19.42 -9.81 -7.42
N GLN A 16 19.92 -10.47 -8.46
CA GLN A 16 19.09 -10.72 -9.64
C GLN A 16 17.96 -11.66 -9.26
N ARG A 17 18.28 -12.67 -8.45
CA ARG A 17 17.29 -13.65 -8.00
C ARG A 17 16.23 -12.95 -7.15
N ILE A 18 16.67 -12.10 -6.24
CA ILE A 18 15.75 -11.35 -5.38
C ILE A 18 14.76 -10.56 -6.22
N ILE A 19 15.26 -9.84 -7.20
CA ILE A 19 14.42 -9.04 -8.07
C ILE A 19 13.43 -9.92 -8.84
N ALA A 20 13.92 -11.02 -9.40
CA ALA A 20 13.06 -11.93 -10.16
C ALA A 20 11.95 -12.49 -9.27
N ILE A 21 12.31 -12.84 -8.04
CA ILE A 21 11.35 -13.39 -7.09
C ILE A 21 10.27 -12.36 -6.74
N LEU A 22 10.70 -11.13 -6.49
CA LEU A 22 9.76 -10.07 -6.14
C LEU A 22 8.84 -9.71 -7.31
N LEU A 23 9.39 -9.64 -8.52
CA LEU A 23 8.59 -9.33 -9.69
C LEU A 23 7.53 -10.41 -9.87
N ASP A 24 7.97 -11.66 -9.75
CA ASP A 24 7.06 -12.80 -9.88
C ASP A 24 5.99 -12.75 -8.80
N ALA A 25 6.40 -12.44 -7.57
CA ALA A 25 5.46 -12.37 -6.46
C ALA A 25 4.41 -11.31 -6.74
N HIS A 26 4.84 -10.17 -7.24
CA HIS A 26 3.91 -9.09 -7.55
C HIS A 26 2.97 -9.48 -8.67
N HIS A 27 3.51 -10.11 -9.71
CA HIS A 27 2.70 -10.52 -10.85
C HIS A 27 1.64 -11.54 -10.43
N LYS A 28 1.94 -12.31 -9.39
CA LYS A 28 1.01 -13.33 -8.90
C LYS A 28 0.00 -12.78 -7.90
N THR A 29 0.28 -11.60 -7.35
CA THR A 29 -0.61 -11.02 -6.33
C THR A 29 -1.26 -9.70 -6.72
N TYR A 30 -0.97 -9.21 -7.91
CA TYR A 30 -1.61 -7.97 -8.36
C TYR A 30 -2.16 -8.19 -9.76
N ASP A 31 -3.48 -8.36 -9.83
CA ASP A 31 -4.18 -8.57 -11.09
C ASP A 31 -4.47 -7.21 -11.70
N PRO A 32 -3.73 -6.85 -12.77
CA PRO A 32 -3.91 -5.56 -13.45
C PRO A 32 -5.21 -5.40 -14.23
N THR A 33 -6.03 -6.45 -14.25
CA THR A 33 -7.31 -6.38 -14.95
C THR A 33 -8.43 -6.16 -13.94
N TYR A 34 -8.11 -6.32 -12.66
CA TYR A 34 -9.10 -6.13 -11.60
C TYR A 34 -10.34 -6.98 -11.80
N SER A 35 -10.13 -8.20 -12.26
CA SER A 35 -11.23 -9.13 -12.55
C SER A 35 -12.00 -9.67 -11.35
N ASP A 36 -11.46 -9.55 -10.14
CA ASP A 36 -12.16 -10.05 -8.95
C ASP A 36 -13.08 -9.00 -8.32
N PHE A 37 -13.04 -7.78 -8.82
CA PHE A 37 -13.84 -6.70 -8.25
C PHE A 37 -15.35 -6.88 -8.24
N CYS A 38 -15.88 -7.64 -9.18
CA CYS A 38 -17.33 -7.88 -9.21
C CYS A 38 -17.74 -8.79 -8.05
N GLN A 39 -16.76 -9.32 -7.34
CA GLN A 39 -17.03 -10.21 -6.21
C GLN A 39 -17.16 -9.43 -4.90
N PHE A 40 -16.77 -8.16 -4.92
CA PHE A 40 -16.87 -7.33 -3.72
C PHE A 40 -18.28 -6.83 -3.58
N ARG A 41 -18.67 -6.41 -2.37
CA ARG A 41 -19.99 -5.86 -2.19
C ARG A 41 -20.00 -4.68 -3.15
N PRO A 42 -21.13 -4.44 -3.83
CA PRO A 42 -21.24 -3.35 -4.78
C PRO A 42 -21.02 -1.95 -4.24
N PRO A 43 -20.37 -1.10 -5.06
CA PRO A 43 -20.12 0.28 -4.64
C PRO A 43 -21.46 1.00 -4.72
N VAL A 44 -21.71 1.90 -3.78
CA VAL A 44 -22.93 2.67 -3.75
C VAL A 44 -22.51 4.11 -3.55
N ARG A 45 -22.94 4.99 -4.45
CA ARG A 45 -22.57 6.39 -4.37
C ARG A 45 -23.79 7.28 -4.13
N VAL A 46 -24.05 7.59 -2.86
CA VAL A 46 -25.19 8.42 -2.49
C VAL A 46 -24.91 9.89 -2.80
N ASN A 47 -25.96 10.64 -3.07
CA ASN A 47 -25.82 12.06 -3.39
C ASN A 47 -25.22 12.82 -2.21
N ASP A 48 -23.98 13.26 -2.35
CA ASP A 48 -23.31 14.00 -1.30
C ASP A 48 -22.30 15.00 -1.88
N GLY A 49 -22.80 15.87 -2.75
CA GLY A 49 -21.94 16.87 -3.36
C GLY A 49 -21.41 17.85 -2.33
N GLY A 50 -22.11 17.96 -1.20
CA GLY A 50 -21.70 18.88 -0.16
C GLY A 50 -20.67 18.30 0.78
N GLY A 51 -20.38 17.02 0.63
CA GLY A 51 -19.41 16.38 1.49
C GLY A 51 -19.81 16.50 2.95
N SER A 52 -21.07 16.17 3.24
CA SER A 52 -21.59 16.24 4.59
C SER A 52 -21.06 15.10 5.46
N VAL A 53 -20.32 15.43 6.50
CA VAL A 53 -19.77 14.42 7.39
C VAL A 53 -20.92 13.62 8.01
N THR A 54 -21.96 14.32 8.44
CA THR A 54 -23.11 13.67 9.06
C THR A 54 -23.74 12.66 8.11
N LEU A 55 -23.98 13.08 6.87
CA LEU A 55 -24.57 12.22 5.87
C LEU A 55 -23.66 11.03 5.55
N GLU A 56 -22.38 11.31 5.38
CA GLU A 56 -21.40 10.27 5.07
C GLU A 56 -21.35 9.19 6.13
N LEU A 57 -21.36 9.61 7.41
CA LEU A 57 -21.31 8.66 8.51
C LEU A 57 -22.63 7.92 8.65
N SER A 58 -23.74 8.58 8.35
CA SER A 58 -25.04 7.95 8.47
C SER A 58 -25.21 6.88 7.40
N GLN A 59 -24.59 7.09 6.24
CA GLN A 59 -24.69 6.15 5.13
C GLN A 59 -23.50 5.22 4.92
N LEU A 60 -22.29 5.78 4.88
CA LEU A 60 -21.09 4.99 4.66
C LEU A 60 -21.38 4.09 3.45
N SER A 61 -21.96 4.69 2.41
CA SER A 61 -22.36 3.97 1.22
C SER A 61 -21.25 3.24 0.46
N MET A 62 -20.05 3.81 0.46
CA MET A 62 -18.94 3.19 -0.24
C MET A 62 -18.05 2.33 0.64
N LEU A 63 -18.36 2.28 1.93
CA LEU A 63 -17.55 1.51 2.88
C LEU A 63 -17.53 0.01 2.65
N PRO A 64 -18.70 -0.61 2.40
CA PRO A 64 -18.66 -2.06 2.18
C PRO A 64 -17.76 -2.44 1.01
N HIS A 65 -17.89 -1.70 -0.09
CA HIS A 65 -17.11 -1.97 -1.29
C HIS A 65 -15.62 -1.71 -1.08
N LEU A 66 -15.29 -0.56 -0.50
CA LEU A 66 -13.89 -0.22 -0.27
C LEU A 66 -13.27 -1.10 0.81
N ALA A 67 -14.06 -1.49 1.81
CA ALA A 67 -13.55 -2.36 2.87
C ALA A 67 -13.23 -3.73 2.25
N ASP A 68 -14.06 -4.18 1.31
CA ASP A 68 -13.84 -5.47 0.65
C ASP A 68 -12.59 -5.36 -0.23
N LEU A 69 -12.44 -4.23 -0.90
CA LEU A 69 -11.29 -4.01 -1.77
C LEU A 69 -10.00 -4.00 -0.94
N VAL A 70 -10.04 -3.29 0.19
CA VAL A 70 -8.88 -3.23 1.07
C VAL A 70 -8.61 -4.60 1.71
N SER A 71 -9.67 -5.28 2.11
CA SER A 71 -9.52 -6.61 2.73
C SER A 71 -8.87 -7.55 1.71
N TYR A 72 -9.40 -7.55 0.50
CA TYR A 72 -8.88 -8.37 -0.59
C TYR A 72 -7.41 -8.03 -0.80
N SER A 73 -7.10 -6.73 -0.78
CA SER A 73 -5.73 -6.27 -0.99
C SER A 73 -4.79 -6.69 0.13
N ILE A 74 -5.29 -6.68 1.36
CA ILE A 74 -4.44 -7.10 2.48
C ILE A 74 -4.09 -8.57 2.28
N GLN A 75 -5.03 -9.36 1.78
CA GLN A 75 -4.73 -10.76 1.56
C GLN A 75 -3.64 -10.89 0.50
N LYS A 76 -3.71 -10.05 -0.53
CA LYS A 76 -2.70 -10.11 -1.59
C LYS A 76 -1.36 -9.66 -1.04
N VAL A 77 -1.38 -8.65 -0.18
CA VAL A 77 -0.15 -8.15 0.41
C VAL A 77 0.50 -9.23 1.29
N ILE A 78 -0.32 -9.99 2.01
CA ILE A 78 0.20 -11.05 2.85
C ILE A 78 0.90 -12.08 1.96
N GLY A 79 0.26 -12.40 0.84
CA GLY A 79 0.83 -13.36 -0.11
C GLY A 79 2.14 -12.86 -0.67
N PHE A 80 2.18 -11.57 -1.02
CA PHE A 80 3.39 -10.96 -1.57
C PHE A 80 4.50 -11.01 -0.54
N ALA A 81 4.18 -10.58 0.68
CA ALA A 81 5.14 -10.55 1.77
C ALA A 81 5.77 -11.91 2.05
N LYS A 82 4.96 -12.96 2.03
CA LYS A 82 5.46 -14.30 2.29
C LYS A 82 6.47 -14.73 1.25
N MET A 83 6.43 -14.08 0.08
CA MET A 83 7.36 -14.42 -0.99
C MET A 83 8.62 -13.58 -0.99
N ILE A 84 8.68 -12.58 -0.12
CA ILE A 84 9.87 -11.74 -0.03
C ILE A 84 11.00 -12.59 0.52
N PRO A 85 12.13 -12.65 -0.20
CA PRO A 85 13.26 -13.46 0.26
C PRO A 85 13.64 -13.07 1.69
N GLY A 86 13.69 -14.07 2.57
CA GLY A 86 14.05 -13.82 3.97
C GLY A 86 12.88 -13.62 4.91
N PHE A 87 11.72 -13.25 4.38
CA PHE A 87 10.55 -13.03 5.22
C PHE A 87 10.21 -14.28 6.02
N ARG A 88 10.35 -15.45 5.42
CA ARG A 88 10.04 -16.69 6.09
C ARG A 88 11.04 -17.02 7.21
N ASP A 89 12.17 -16.32 7.23
CA ASP A 89 13.18 -16.57 8.26
C ASP A 89 12.80 -15.89 9.57
N LEU A 90 11.80 -15.02 9.52
CA LEU A 90 11.34 -14.31 10.71
C LEU A 90 10.35 -15.16 11.49
N THR A 91 10.24 -14.89 12.78
CA THR A 91 9.30 -15.63 13.62
C THR A 91 7.90 -15.25 13.13
N SER A 92 6.93 -16.13 13.38
CA SER A 92 5.57 -15.88 12.96
C SER A 92 5.08 -14.59 13.60
N GLU A 93 5.51 -14.40 14.84
CA GLU A 93 5.13 -13.21 15.61
C GLU A 93 5.59 -11.93 14.92
N ASP A 94 6.85 -11.90 14.49
CA ASP A 94 7.38 -10.71 13.83
C ASP A 94 6.76 -10.53 12.44
N GLN A 95 6.47 -11.63 11.75
CA GLN A 95 5.84 -11.54 10.44
C GLN A 95 4.49 -10.81 10.56
N ILE A 96 3.70 -11.24 11.54
CA ILE A 96 2.38 -10.65 11.77
C ILE A 96 2.50 -9.17 12.14
N VAL A 97 3.45 -8.86 13.01
CA VAL A 97 3.68 -7.47 13.41
C VAL A 97 3.98 -6.59 12.18
N LEU A 98 4.89 -7.05 11.34
CA LEU A 98 5.27 -6.31 10.14
C LEU A 98 4.10 -6.16 9.19
N LEU A 99 3.35 -7.23 8.98
CA LEU A 99 2.20 -7.19 8.08
C LEU A 99 1.12 -6.21 8.56
N LYS A 100 0.73 -6.33 9.82
CA LYS A 100 -0.30 -5.45 10.37
C LYS A 100 0.10 -3.99 10.34
N SER A 101 1.36 -3.70 10.61
CA SER A 101 1.83 -2.32 10.63
C SER A 101 2.07 -1.70 9.25
N SER A 102 2.40 -2.53 8.26
CA SER A 102 2.65 -2.03 6.91
C SER A 102 1.50 -2.19 5.92
N ALA A 103 0.51 -3.00 6.27
CA ALA A 103 -0.62 -3.26 5.38
C ALA A 103 -1.18 -2.04 4.65
N ILE A 104 -1.61 -1.03 5.38
CA ILE A 104 -2.18 0.15 4.74
C ILE A 104 -1.17 0.90 3.89
N GLU A 105 0.09 0.90 4.30
CA GLU A 105 1.13 1.58 3.55
C GLU A 105 1.42 0.88 2.22
N VAL A 106 1.45 -0.45 2.23
CA VAL A 106 1.71 -1.18 1.00
C VAL A 106 0.53 -1.05 0.05
N ILE A 107 -0.67 -0.97 0.62
CA ILE A 107 -1.87 -0.81 -0.20
C ILE A 107 -1.77 0.54 -0.89
N MET A 108 -1.37 1.57 -0.15
CA MET A 108 -1.23 2.91 -0.75
C MET A 108 -0.17 2.87 -1.85
N LEU A 109 0.93 2.19 -1.60
CA LEU A 109 1.99 2.06 -2.60
C LEU A 109 1.53 1.29 -3.84
N ARG A 110 0.97 0.11 -3.64
CA ARG A 110 0.56 -0.71 -4.76
C ARG A 110 -0.60 -0.11 -5.56
N SER A 111 -1.40 0.73 -4.91
CA SER A 111 -2.53 1.35 -5.59
C SER A 111 -2.07 2.33 -6.65
N ASN A 112 -0.80 2.70 -6.61
CA ASN A 112 -0.26 3.65 -7.58
C ASN A 112 -0.38 3.08 -8.99
N GLU A 113 -0.44 1.75 -9.08
CA GLU A 113 -0.55 1.11 -10.38
C GLU A 113 -1.90 1.37 -11.04
N SER A 114 -2.96 1.57 -10.24
CA SER A 114 -4.27 1.85 -10.82
C SER A 114 -4.52 3.36 -10.84
N PHE A 115 -3.70 4.10 -10.10
CA PHE A 115 -3.85 5.55 -10.05
C PHE A 115 -3.49 6.17 -11.40
N THR A 116 -4.27 7.15 -11.82
CA THR A 116 -3.99 7.82 -13.08
C THR A 116 -4.06 9.32 -12.91
N MET A 117 -3.06 10.01 -13.43
CA MET A 117 -3.01 11.46 -13.34
C MET A 117 -3.91 12.10 -14.37
N ASP A 118 -4.50 11.30 -15.25
CA ASP A 118 -5.40 11.83 -16.27
C ASP A 118 -6.51 12.62 -15.58
N ASP A 119 -7.08 12.05 -14.52
CA ASP A 119 -8.15 12.71 -13.78
C ASP A 119 -8.01 12.51 -12.26
N MET A 120 -6.81 12.19 -11.82
CA MET A 120 -6.53 11.99 -10.39
C MET A 120 -7.45 10.97 -9.74
N SER A 121 -7.55 9.80 -10.33
CA SER A 121 -8.39 8.76 -9.76
C SER A 121 -7.68 7.42 -9.81
N TRP A 122 -8.24 6.46 -9.11
CA TRP A 122 -7.73 5.10 -9.11
C TRP A 122 -8.75 4.41 -10.01
N THR A 123 -8.34 4.13 -11.25
CA THR A 123 -9.23 3.53 -12.20
C THR A 123 -8.98 2.03 -12.34
N CYS A 124 -9.96 1.23 -11.90
CA CYS A 124 -9.82 -0.21 -11.96
C CYS A 124 -10.73 -0.90 -12.96
N GLY A 125 -10.69 -0.45 -14.20
CA GLY A 125 -11.51 -1.05 -15.24
C GLY A 125 -12.53 -0.09 -15.83
N ASN A 126 -13.75 -0.12 -15.29
CA ASN A 126 -14.81 0.75 -15.78
C ASN A 126 -15.14 1.85 -14.79
N GLN A 127 -16.22 2.57 -15.05
CA GLN A 127 -16.65 3.67 -14.19
C GLN A 127 -17.13 3.23 -12.81
N ASP A 128 -17.71 2.03 -12.73
CA ASP A 128 -18.18 1.53 -11.44
C ASP A 128 -17.00 1.35 -10.49
N TYR A 129 -15.85 0.98 -11.04
CA TYR A 129 -14.66 0.76 -10.23
C TYR A 129 -13.61 1.85 -10.36
N LYS A 130 -14.06 3.09 -10.50
CA LYS A 130 -13.16 4.23 -10.59
C LYS A 130 -13.38 4.96 -9.27
N TYR A 131 -12.29 5.14 -8.52
CA TYR A 131 -12.40 5.79 -7.22
C TYR A 131 -11.74 7.17 -7.20
N ARG A 132 -12.50 8.16 -6.76
CA ARG A 132 -12.02 9.52 -6.67
C ARG A 132 -12.12 9.97 -5.22
N VAL A 133 -11.69 11.19 -4.94
CA VAL A 133 -11.75 11.72 -3.58
C VAL A 133 -13.15 11.57 -2.99
N SER A 134 -14.17 11.91 -3.77
CA SER A 134 -15.54 11.84 -3.30
C SER A 134 -15.97 10.45 -2.85
N ASP A 135 -15.43 9.42 -3.52
CA ASP A 135 -15.78 8.05 -3.17
C ASP A 135 -15.19 7.65 -1.82
N VAL A 136 -14.01 8.19 -1.52
CA VAL A 136 -13.35 7.87 -0.26
C VAL A 136 -14.03 8.59 0.89
N THR A 137 -14.56 9.78 0.64
CA THR A 137 -15.26 10.51 1.69
C THR A 137 -16.55 9.77 2.00
N LYS A 138 -17.11 9.12 0.99
CA LYS A 138 -18.34 8.35 1.16
C LYS A 138 -18.08 7.06 1.94
N ALA A 139 -16.81 6.78 2.21
CA ALA A 139 -16.45 5.60 2.98
C ALA A 139 -16.19 6.02 4.41
N GLY A 140 -16.33 7.32 4.68
CA GLY A 140 -16.13 7.81 6.03
C GLY A 140 -14.83 8.54 6.34
N HIS A 141 -13.95 8.68 5.35
CA HIS A 141 -12.69 9.38 5.58
C HIS A 141 -12.80 10.85 5.20
N SER A 142 -11.89 11.66 5.74
CA SER A 142 -11.90 13.10 5.46
C SER A 142 -10.76 13.51 4.55
N LEU A 143 -10.81 14.74 4.05
CA LEU A 143 -9.80 15.27 3.15
C LEU A 143 -8.43 15.34 3.83
N GLU A 144 -8.43 15.33 5.15
CA GLU A 144 -7.19 15.39 5.94
C GLU A 144 -6.30 14.19 5.58
N LEU A 145 -6.93 13.13 5.10
CA LEU A 145 -6.21 11.94 4.69
C LEU A 145 -6.16 11.81 3.17
N ILE A 146 -7.31 11.99 2.53
CA ILE A 146 -7.41 11.84 1.07
C ILE A 146 -6.54 12.79 0.26
N GLU A 147 -6.55 14.07 0.58
CA GLU A 147 -5.76 15.02 -0.18
C GLU A 147 -4.28 14.68 -0.13
N PRO A 148 -3.72 14.44 1.07
CA PRO A 148 -2.30 14.09 1.15
C PRO A 148 -2.03 12.78 0.39
N LEU A 149 -3.01 11.88 0.41
CA LEU A 149 -2.86 10.60 -0.28
C LEU A 149 -2.74 10.83 -1.78
N ILE A 150 -3.62 11.66 -2.33
CA ILE A 150 -3.60 11.96 -3.77
C ILE A 150 -2.25 12.61 -4.10
N LYS A 151 -1.82 13.53 -3.25
CA LYS A 151 -0.55 14.21 -3.47
C LYS A 151 0.56 13.17 -3.49
N PHE A 152 0.49 12.21 -2.57
CA PHE A 152 1.48 11.15 -2.49
C PHE A 152 1.47 10.31 -3.77
N GLN A 153 0.28 10.00 -4.28
CA GLN A 153 0.16 9.19 -5.49
C GLN A 153 0.79 9.91 -6.69
N VAL A 154 0.59 11.22 -6.77
CA VAL A 154 1.15 11.98 -7.87
C VAL A 154 2.68 12.02 -7.76
N GLY A 155 3.19 12.29 -6.57
CA GLY A 155 4.63 12.31 -6.38
C GLY A 155 5.28 10.98 -6.72
N LEU A 156 4.62 9.90 -6.30
CA LEU A 156 5.13 8.56 -6.58
C LEU A 156 5.05 8.30 -8.07
N LYS A 157 3.95 8.72 -8.68
CA LYS A 157 3.75 8.51 -10.11
C LYS A 157 4.85 9.20 -10.91
N LYS A 158 5.18 10.42 -10.52
CA LYS A 158 6.20 11.19 -11.22
C LYS A 158 7.63 10.65 -11.09
N LEU A 159 7.83 9.69 -10.21
CA LEU A 159 9.16 9.10 -10.06
C LEU A 159 9.41 8.16 -11.23
N ASN A 160 8.33 7.77 -11.92
CA ASN A 160 8.45 6.88 -13.07
C ASN A 160 9.23 5.62 -12.71
N LEU A 161 8.89 5.01 -11.58
CA LEU A 161 9.58 3.81 -11.13
C LEU A 161 9.47 2.63 -12.07
N HIS A 162 10.56 1.88 -12.22
CA HIS A 162 10.54 0.68 -13.04
C HIS A 162 9.77 -0.29 -12.15
N GLU A 163 9.21 -1.35 -12.73
CA GLU A 163 8.49 -2.28 -11.88
C GLU A 163 9.45 -2.86 -10.85
N GLU A 164 10.70 -3.04 -11.23
CA GLU A 164 11.71 -3.57 -10.32
C GLU A 164 11.82 -2.69 -9.07
N GLU A 165 11.88 -1.38 -9.28
CA GLU A 165 11.99 -0.44 -8.17
C GLU A 165 10.71 -0.43 -7.34
N HIS A 166 9.58 -0.57 -8.03
CA HIS A 166 8.28 -0.59 -7.37
C HIS A 166 8.14 -1.73 -6.38
N VAL A 167 8.46 -2.95 -6.81
CA VAL A 167 8.33 -4.10 -5.94
C VAL A 167 9.37 -4.11 -4.81
N LEU A 168 10.57 -3.59 -5.08
CA LEU A 168 11.58 -3.53 -4.03
C LEU A 168 11.14 -2.52 -2.97
N LEU A 169 10.52 -1.43 -3.40
CA LEU A 169 10.05 -0.41 -2.46
C LEU A 169 9.00 -0.99 -1.52
N MET A 170 8.06 -1.77 -2.08
CA MET A 170 7.03 -2.38 -1.26
C MET A 170 7.65 -3.38 -0.28
N ALA A 171 8.63 -4.16 -0.74
CA ALA A 171 9.28 -5.13 0.12
C ALA A 171 10.01 -4.42 1.26
N ILE A 172 10.70 -3.34 0.93
CA ILE A 172 11.45 -2.57 1.93
C ILE A 172 10.47 -1.97 2.94
N CYS A 173 9.33 -1.52 2.45
CA CYS A 173 8.30 -0.95 3.30
C CYS A 173 7.84 -1.98 4.32
N ILE A 174 7.60 -3.20 3.86
CA ILE A 174 7.14 -4.27 4.73
C ILE A 174 8.19 -4.71 5.76
N VAL A 175 9.41 -4.97 5.29
CA VAL A 175 10.48 -5.42 6.17
C VAL A 175 11.21 -4.23 6.82
N SER A 176 10.52 -3.55 7.72
CA SER A 176 11.09 -2.39 8.42
C SER A 176 11.34 -2.73 9.88
N PRO A 177 12.59 -2.60 10.34
CA PRO A 177 12.91 -2.90 11.73
C PRO A 177 12.35 -1.88 12.72
N ASP A 178 11.97 -0.71 12.20
CA ASP A 178 11.43 0.33 13.06
C ASP A 178 9.90 0.31 13.17
N ARG A 179 9.37 -0.88 13.46
CA ARG A 179 7.93 -1.04 13.62
C ARG A 179 7.73 -1.40 15.08
N PRO A 180 6.89 -0.63 15.80
CA PRO A 180 6.67 -0.95 17.22
C PRO A 180 6.22 -2.40 17.43
N GLY A 181 6.83 -3.07 18.38
CA GLY A 181 6.46 -4.44 18.67
C GLY A 181 7.34 -5.52 18.07
N VAL A 182 8.26 -5.14 17.17
CA VAL A 182 9.14 -6.12 16.56
C VAL A 182 10.08 -6.69 17.61
N GLN A 183 10.30 -8.00 17.55
CA GLN A 183 11.15 -8.69 18.50
C GLN A 183 12.60 -8.73 18.06
N ASP A 184 12.84 -9.21 16.85
CA ASP A 184 14.20 -9.30 16.32
C ASP A 184 14.46 -8.24 15.26
N ALA A 185 14.64 -7.01 15.71
CA ALA A 185 14.89 -5.89 14.81
C ALA A 185 16.17 -6.07 14.00
N ALA A 186 17.18 -6.68 14.61
CA ALA A 186 18.46 -6.90 13.90
C ALA A 186 18.28 -7.76 12.67
N LEU A 187 17.53 -8.86 12.80
CA LEU A 187 17.31 -9.75 11.67
C LEU A 187 16.50 -9.03 10.60
N ILE A 188 15.48 -8.31 11.03
CA ILE A 188 14.63 -7.57 10.10
C ILE A 188 15.48 -6.54 9.35
N GLU A 189 16.36 -5.85 10.06
CA GLU A 189 17.22 -4.85 9.44
C GLU A 189 18.20 -5.48 8.45
N ALA A 190 18.67 -6.68 8.75
CA ALA A 190 19.60 -7.37 7.86
C ALA A 190 18.87 -7.69 6.55
N ILE A 191 17.65 -8.18 6.67
CA ILE A 191 16.86 -8.50 5.48
C ILE A 191 16.56 -7.23 4.70
N GLN A 192 16.16 -6.17 5.41
CA GLN A 192 15.85 -4.92 4.73
C GLN A 192 17.07 -4.36 4.04
N ASP A 193 18.24 -4.48 4.67
CA ASP A 193 19.47 -3.95 4.08
C ASP A 193 19.79 -4.70 2.79
N ARG A 194 19.52 -6.00 2.78
CA ARG A 194 19.78 -6.80 1.59
C ARG A 194 18.90 -6.28 0.46
N LEU A 195 17.65 -5.93 0.80
CA LEU A 195 16.72 -5.41 -0.18
C LEU A 195 17.09 -3.99 -0.60
N SER A 196 17.46 -3.17 0.38
CA SER A 196 17.86 -1.79 0.14
C SER A 196 19.09 -1.74 -0.76
N ASN A 197 20.07 -2.60 -0.47
CA ASN A 197 21.29 -2.63 -1.27
C ASN A 197 20.97 -3.06 -2.70
N THR A 198 20.01 -3.97 -2.83
CA THR A 198 19.61 -4.44 -4.15
C THR A 198 19.01 -3.26 -4.92
N LEU A 199 18.13 -2.51 -4.26
CA LEU A 199 17.49 -1.36 -4.90
C LEU A 199 18.53 -0.29 -5.28
N GLN A 200 19.45 -0.01 -4.36
CA GLN A 200 20.47 1.00 -4.64
C GLN A 200 21.32 0.59 -5.84
N THR A 201 21.67 -0.70 -5.89
CA THR A 201 22.48 -1.22 -6.98
C THR A 201 21.70 -1.19 -8.28
N TYR A 202 20.44 -1.61 -8.24
CA TYR A 202 19.63 -1.61 -9.44
C TYR A 202 19.52 -0.19 -10.01
N ILE A 203 19.22 0.77 -9.15
CA ILE A 203 19.09 2.16 -9.58
C ILE A 203 20.37 2.67 -10.23
N ARG A 204 21.51 2.37 -9.63
CA ARG A 204 22.79 2.82 -10.19
C ARG A 204 23.06 2.16 -11.53
N CYS A 205 22.62 0.91 -11.69
CA CYS A 205 22.80 0.18 -12.93
C CYS A 205 21.90 0.68 -14.05
N ARG A 206 20.66 1.03 -13.71
CA ARG A 206 19.70 1.51 -14.70
C ARG A 206 19.58 3.03 -14.80
N HIS A 207 20.20 3.75 -13.87
CA HIS A 207 20.15 5.20 -13.89
C HIS A 207 21.56 5.76 -13.65
N PRO A 208 22.05 6.60 -14.56
CA PRO A 208 23.38 7.22 -14.46
C PRO A 208 23.68 7.81 -13.08
N GLY A 211 21.01 11.40 -10.98
CA GLY A 211 19.72 10.77 -11.19
C GLY A 211 19.50 9.57 -10.28
N SER A 212 20.52 8.71 -10.17
CA SER A 212 20.42 7.52 -9.33
C SER A 212 20.37 7.87 -7.84
N HIS A 213 21.29 8.73 -7.41
CA HIS A 213 21.35 9.12 -6.01
C HIS A 213 20.10 9.89 -5.60
N LEU A 214 19.60 10.73 -6.50
CA LEU A 214 18.40 11.50 -6.22
C LEU A 214 17.17 10.58 -6.15
N LEU A 215 17.09 9.62 -7.05
CA LEU A 215 15.95 8.71 -7.05
C LEU A 215 15.84 7.89 -5.76
N TYR A 216 16.95 7.31 -5.31
CA TYR A 216 16.92 6.51 -4.10
C TYR A 216 16.43 7.35 -2.92
N ALA A 217 16.96 8.56 -2.80
CA ALA A 217 16.58 9.45 -1.71
C ALA A 217 15.10 9.77 -1.80
N LYS A 218 14.59 10.00 -3.00
CA LYS A 218 13.18 10.32 -3.18
C LYS A 218 12.29 9.14 -2.82
N MET A 219 12.79 7.94 -3.07
CA MET A 219 12.04 6.72 -2.75
C MET A 219 11.99 6.52 -1.25
N ILE A 220 13.13 6.76 -0.59
CA ILE A 220 13.20 6.62 0.86
C ILE A 220 12.29 7.65 1.51
N GLN A 221 12.20 8.84 0.91
CA GLN A 221 11.34 9.87 1.47
C GLN A 221 9.88 9.43 1.38
N LYS A 222 9.53 8.70 0.32
CA LYS A 222 8.15 8.24 0.16
C LYS A 222 7.79 7.30 1.32
N LEU A 223 8.78 6.53 1.80
CA LEU A 223 8.54 5.62 2.91
C LEU A 223 8.21 6.41 4.18
N ALA A 224 8.83 7.57 4.32
CA ALA A 224 8.57 8.43 5.48
C ALA A 224 7.16 9.00 5.34
N ASP A 225 6.83 9.46 4.15
CA ASP A 225 5.50 10.03 3.88
C ASP A 225 4.41 9.02 4.22
N LEU A 226 4.68 7.75 3.94
CA LEU A 226 3.72 6.69 4.21
C LEU A 226 3.45 6.51 5.70
N ARG A 227 4.47 6.74 6.53
CA ARG A 227 4.30 6.62 7.97
C ARG A 227 3.29 7.67 8.44
N SER A 228 3.34 8.85 7.82
CA SER A 228 2.44 9.94 8.17
C SER A 228 1.02 9.59 7.74
N LEU A 229 0.89 9.08 6.52
CA LEU A 229 -0.42 8.69 6.00
C LEU A 229 -0.99 7.55 6.84
N ASN A 230 -0.12 6.65 7.28
CA ASN A 230 -0.52 5.51 8.11
C ASN A 230 -1.14 6.03 9.40
N GLU A 231 -0.45 6.97 10.04
CA GLU A 231 -0.93 7.54 11.30
C GLU A 231 -2.28 8.22 11.12
N GLU A 232 -2.41 9.04 10.09
CA GLU A 232 -3.67 9.73 9.84
C GLU A 232 -4.78 8.73 9.57
N HIS A 233 -4.50 7.68 8.80
CA HIS A 233 -5.53 6.69 8.52
C HIS A 233 -5.98 6.02 9.81
N SER A 234 -5.04 5.67 10.68
CA SER A 234 -5.36 5.02 11.94
C SER A 234 -6.30 5.90 12.77
N LYS A 235 -6.01 7.20 12.81
CA LYS A 235 -6.83 8.14 13.57
C LYS A 235 -8.24 8.15 13.01
N GLN A 236 -8.35 8.26 11.69
CA GLN A 236 -9.65 8.29 11.04
C GLN A 236 -10.39 6.96 11.16
N TYR A 237 -9.66 5.85 11.11
CA TYR A 237 -10.31 4.54 11.25
C TYR A 237 -10.95 4.46 12.64
N ARG A 238 -10.23 4.92 13.65
CA ARG A 238 -10.73 4.91 15.01
C ARG A 238 -12.09 5.59 15.07
N CYS A 239 -12.17 6.79 14.50
CA CYS A 239 -13.43 7.54 14.47
C CYS A 239 -14.51 6.74 13.77
N LEU A 240 -14.16 6.16 12.63
CA LEU A 240 -15.10 5.37 11.85
C LEU A 240 -15.65 4.20 12.66
N SER A 241 -14.78 3.55 13.42
CA SER A 241 -15.19 2.40 14.22
C SER A 241 -16.25 2.76 15.27
N PHE A 242 -16.34 4.05 15.61
CA PHE A 242 -17.33 4.51 16.60
C PHE A 242 -18.74 4.51 16.03
N GLN A 243 -18.85 4.49 14.70
CA GLN A 243 -20.16 4.52 14.09
C GLN A 243 -20.90 3.19 14.28
N PRO A 244 -22.09 3.23 14.91
CA PRO A 244 -22.86 2.01 15.15
C PRO A 244 -23.08 1.20 13.86
N GLU A 245 -22.87 -0.11 13.98
CA GLU A 245 -23.03 -1.05 12.86
C GLU A 245 -21.91 -1.00 11.82
N CYS A 246 -20.86 -0.23 12.11
CA CYS A 246 -19.75 -0.12 11.18
C CYS A 246 -19.05 -1.46 10.93
N SER A 247 -18.94 -2.28 11.98
CA SER A 247 -18.27 -3.57 11.85
C SER A 247 -18.84 -4.42 10.72
N MET A 248 -20.15 -4.38 10.53
CA MET A 248 -20.79 -5.16 9.46
C MET A 248 -20.36 -4.67 8.10
N LYS A 249 -20.01 -3.40 8.00
CA LYS A 249 -19.58 -2.82 6.73
C LYS A 249 -18.11 -3.09 6.43
N LEU A 250 -17.40 -3.59 7.43
CA LEU A 250 -15.98 -3.90 7.24
C LEU A 250 -15.85 -5.42 7.03
N THR A 251 -14.69 -5.97 7.37
CA THR A 251 -14.47 -7.41 7.24
C THR A 251 -13.67 -7.82 8.47
N PRO A 252 -13.68 -9.12 8.79
CA PRO A 252 -12.92 -9.60 9.95
C PRO A 252 -11.45 -9.25 9.86
N LEU A 253 -10.86 -9.39 8.67
CA LEU A 253 -9.44 -9.09 8.50
C LEU A 253 -9.17 -7.61 8.69
N VAL A 254 -10.04 -6.77 8.15
CA VAL A 254 -9.88 -5.33 8.28
C VAL A 254 -9.99 -4.93 9.76
N LEU A 255 -10.96 -5.51 10.45
CA LEU A 255 -11.16 -5.24 11.87
C LEU A 255 -9.92 -5.57 12.68
N GLU A 256 -9.32 -6.71 12.41
CA GLU A 256 -8.13 -7.12 13.14
C GLU A 256 -6.90 -6.27 12.82
N VAL A 257 -6.62 -6.10 11.53
CA VAL A 257 -5.46 -5.33 11.11
C VAL A 257 -5.48 -3.89 11.63
N PHE A 258 -6.63 -3.24 11.58
CA PHE A 258 -6.73 -1.86 12.04
C PHE A 258 -7.32 -1.68 13.43
N GLY A 259 -7.74 -2.77 14.04
CA GLY A 259 -8.32 -2.70 15.38
C GLY A 259 -7.27 -2.48 16.45
#